data_6UGY
#
_entry.id   6UGY
#
_cell.length_a   50.340
_cell.length_b   148.650
_cell.length_c   75.980
_cell.angle_alpha   90.000
_cell.angle_beta   90.000
_cell.angle_gamma   90.000
#
_symmetry.space_group_name_H-M   'C 2 2 21'
#
loop_
_entity.id
_entity.type
_entity.pdbx_description
1 polymer 'Remicade Fc'
2 branched beta-D-galactopyranose-(1-4)-2-acetamido-2-deoxy-beta-D-glucopyranose-(1-2)-alpha-D-mannopyranose-(1-6)-[alpha-D-mannopyranose-(1-3)]beta-D-mannopyranose-(1-4)-2-acetamido-2-deoxy-beta-D-glucopyranose-(1-4)-[alpha-L-fucopyranose-(1-6)]2-acetamido-2-deoxy-beta-D-glucopyranose
3 non-polymer 'ZINC ION'
4 non-polymer 'ACETATE ION'
5 water water
#
_entity_poly.entity_id   1
_entity_poly.type   'polypeptide(L)'
_entity_poly.pdbx_seq_one_letter_code
;MKKTAIAIAVALAGFATVAQADVESKSCDKTHTCPPCPAPELLGGPSVFLFPPKPKDTLMISRTPEVTCVVVDVSHEDPE
VKFNWYVDGVEVHNAKTKPREEQYNSTYRVVSVLTVLHQDWLNGKEYKCKVSNKALPAPIEKTISKAKGQPREPQVYTLP
PSRDELTKNQVSLTCLVKGFYPSDIAVEWESNGQPENNYKTTPPVLDSDGSFFLYSKLTVDKSRWQQGNVFSCSVMHEAL
HNHYTQKSLSLSPGK
;
_entity_poly.pdbx_strand_id   A
#
loop_
_chem_comp.id
_chem_comp.type
_chem_comp.name
_chem_comp.formula
ACT non-polymer 'ACETATE ION' 'C2 H3 O2 -1'
BMA D-saccharide, beta linking beta-D-mannopyranose 'C6 H12 O6'
FUC L-saccharide, alpha linking alpha-L-fucopyranose 'C6 H12 O5'
GAL D-saccharide, beta linking beta-D-galactopyranose 'C6 H12 O6'
MAN D-saccharide, alpha linking alpha-D-mannopyranose 'C6 H12 O6'
NAG D-saccharide, beta linking 2-acetamido-2-deoxy-beta-D-glucopyranose 'C8 H15 N O6'
ZN non-polymer 'ZINC ION' 'Zn 2'
#
# COMPACT_ATOMS: atom_id res chain seq x y z
N PRO A 46 11.94 -16.51 19.74
CA PRO A 46 11.40 -15.15 19.84
C PRO A 46 11.84 -14.30 18.66
N SER A 47 10.97 -14.13 17.66
CA SER A 47 11.26 -13.38 16.45
C SER A 47 10.25 -12.25 16.27
N VAL A 48 10.69 -11.16 15.64
CA VAL A 48 9.91 -9.94 15.52
C VAL A 48 9.73 -9.59 14.04
N PHE A 49 8.51 -9.18 13.68
CA PHE A 49 8.22 -8.69 12.34
C PHE A 49 7.51 -7.34 12.43
N LEU A 50 7.93 -6.42 11.58
CA LEU A 50 7.42 -5.05 11.60
C LEU A 50 6.84 -4.77 10.21
N PHE A 51 5.54 -4.47 10.15
CA PHE A 51 4.78 -4.33 8.92
C PHE A 51 4.38 -2.87 8.69
N PRO A 52 4.45 -2.40 7.44
CA PRO A 52 4.14 -1.00 7.12
C PRO A 52 2.63 -0.79 7.09
N PRO A 53 2.16 0.45 6.95
CA PRO A 53 0.71 0.65 6.76
C PRO A 53 0.25 0.14 5.39
N LYS A 54 -1.07 0.03 5.25
CA LYS A 54 -1.65 -0.22 3.94
C LYS A 54 -1.36 0.97 3.03
N PRO A 55 -0.85 0.75 1.81
CA PRO A 55 -0.50 1.89 0.96
C PRO A 55 -1.61 2.90 0.79
N LYS A 56 -2.86 2.47 0.61
CA LYS A 56 -3.96 3.41 0.43
C LYS A 56 -4.17 4.26 1.69
N ASP A 57 -3.91 3.70 2.86
CA ASP A 57 -4.07 4.49 4.07
C ASP A 57 -3.04 5.60 4.17
N THR A 58 -1.92 5.48 3.46
CA THR A 58 -0.92 6.54 3.53
C THR A 58 -1.19 7.65 2.52
N LEU A 59 -2.07 7.44 1.56
CA LEU A 59 -2.25 8.39 0.48
C LEU A 59 -3.53 9.23 0.61
N MET A 60 -4.39 8.91 1.57
CA MET A 60 -5.65 9.62 1.77
C MET A 60 -5.63 10.21 3.17
N ILE A 61 -5.61 11.54 3.24
CA ILE A 61 -5.50 12.22 4.53
C ILE A 61 -6.60 11.81 5.48
N SER A 62 -7.74 11.37 4.95
CA SER A 62 -8.86 10.97 5.82
C SER A 62 -8.61 9.65 6.54
N ARG A 63 -7.56 8.90 6.19
CA ARG A 63 -7.38 7.59 6.79
C ARG A 63 -6.29 7.61 7.86
N THR A 64 -6.15 6.48 8.56
CA THR A 64 -5.29 6.36 9.73
C THR A 64 -4.23 5.29 9.49
N PRO A 65 -3.11 5.62 8.88
CA PRO A 65 -2.07 4.61 8.69
C PRO A 65 -1.43 4.23 10.02
N GLU A 66 -1.07 2.97 10.13
CA GLU A 66 -0.43 2.47 11.33
C GLU A 66 0.63 1.45 10.95
N VAL A 67 1.64 1.33 11.82
CA VAL A 67 2.69 0.34 11.69
C VAL A 67 2.46 -0.74 12.75
N THR A 68 2.71 -2.01 12.40
CA THR A 68 2.32 -3.13 13.26
C THR A 68 3.54 -3.99 13.59
N CYS A 69 3.81 -4.16 14.88
CA CYS A 69 4.98 -4.89 15.36
C CYS A 69 4.50 -6.20 15.98
N VAL A 70 4.87 -7.32 15.35
CA VAL A 70 4.40 -8.63 15.76
C VAL A 70 5.55 -9.42 16.34
N VAL A 71 5.34 -9.99 17.53
CA VAL A 71 6.30 -10.87 18.18
C VAL A 71 5.70 -12.27 18.24
N VAL A 72 6.45 -13.25 17.74
CA VAL A 72 6.04 -14.65 17.75
C VAL A 72 7.12 -15.47 18.46
N ASP A 73 6.76 -16.72 18.77
CA ASP A 73 7.65 -17.65 19.49
C ASP A 73 8.04 -17.10 20.86
N VAL A 74 7.07 -16.47 21.53
CA VAL A 74 7.24 -16.06 22.92
C VAL A 74 6.99 -17.26 23.81
N SER A 75 7.84 -17.44 24.83
CA SER A 75 7.82 -18.61 25.70
C SER A 75 6.56 -18.68 26.55
N HIS A 76 6.27 -19.89 27.03
CA HIS A 76 5.38 -20.03 28.17
C HIS A 76 6.10 -19.78 29.48
N GLU A 77 7.39 -20.14 29.56
CA GLU A 77 8.16 -19.96 30.78
C GLU A 77 8.57 -18.51 30.99
N ASP A 78 8.69 -17.73 29.92
CA ASP A 78 9.00 -16.30 30.02
C ASP A 78 8.13 -15.57 29.01
N PRO A 79 6.85 -15.36 29.32
CA PRO A 79 5.92 -14.75 28.37
C PRO A 79 5.78 -13.24 28.48
N GLU A 80 6.52 -12.60 29.38
CA GLU A 80 6.46 -11.16 29.54
C GLU A 80 7.21 -10.47 28.40
N VAL A 81 6.58 -9.47 27.79
CA VAL A 81 7.18 -8.74 26.68
C VAL A 81 6.84 -7.26 26.83
N LYS A 82 7.85 -6.41 26.68
CA LYS A 82 7.62 -4.97 26.61
C LYS A 82 8.09 -4.43 25.27
N PHE A 83 7.29 -3.53 24.70
CA PHE A 83 7.62 -2.81 23.47
C PHE A 83 8.05 -1.39 23.81
N ASN A 84 9.10 -0.92 23.14
CA ASN A 84 9.43 0.49 23.09
C ASN A 84 9.41 0.93 21.62
N TRP A 85 8.80 2.09 21.36
CA TRP A 85 8.67 2.67 20.02
C TRP A 85 9.42 3.98 19.95
N TYR A 86 10.07 4.22 18.81
CA TYR A 86 10.82 5.45 18.57
C TYR A 86 10.54 5.96 17.17
N VAL A 87 10.37 7.28 17.05
CA VAL A 87 10.19 7.93 15.76
C VAL A 87 11.44 8.79 15.55
N ASP A 88 12.22 8.45 14.52
CA ASP A 88 13.54 9.05 14.31
C ASP A 88 14.37 9.05 15.59
N GLY A 89 14.31 7.94 16.33
CA GLY A 89 15.09 7.80 17.54
C GLY A 89 14.52 8.45 18.78
N VAL A 90 13.43 9.19 18.68
CA VAL A 90 12.80 9.80 19.84
C VAL A 90 11.72 8.85 20.33
N GLU A 91 11.77 8.47 21.60
CA GLU A 91 10.77 7.54 22.11
C GLU A 91 9.39 8.20 22.10
N VAL A 92 8.39 7.41 21.71
CA VAL A 92 7.00 7.85 21.71
C VAL A 92 6.21 6.84 22.51
N HIS A 93 5.07 7.28 23.04
CA HIS A 93 4.36 6.48 24.03
C HIS A 93 2.88 6.28 23.69
N ASN A 94 2.46 6.47 22.43
CA ASN A 94 1.04 6.37 22.10
C ASN A 94 0.66 5.05 21.43
N ALA A 95 1.55 4.04 21.44
CA ALA A 95 1.20 2.78 20.80
C ALA A 95 0.10 2.08 21.58
N LYS A 96 -0.47 1.05 20.96
CA LYS A 96 -1.56 0.28 21.53
C LYS A 96 -1.17 -1.20 21.48
N THR A 97 -0.77 -1.77 22.61
CA THR A 97 -0.43 -3.19 22.62
C THR A 97 -1.67 -4.02 22.94
N LYS A 98 -1.86 -5.11 22.18
CA LYS A 98 -2.93 -6.08 22.25
C LYS A 98 -2.58 -7.18 23.25
N PRO A 99 -3.58 -7.78 23.90
CA PRO A 99 -3.29 -8.85 24.85
C PRO A 99 -2.69 -10.06 24.16
N ARG A 100 -1.76 -10.71 24.86
CA ARG A 100 -1.13 -11.93 24.35
C ARG A 100 -2.18 -12.92 23.88
N GLU A 101 -1.82 -13.75 22.91
CA GLU A 101 -2.68 -14.83 22.44
C GLU A 101 -1.83 -16.09 22.31
N GLU A 102 -2.25 -17.14 23.00
CA GLU A 102 -1.57 -18.42 22.89
C GLU A 102 -1.80 -19.03 21.50
N GLN A 103 -0.76 -19.63 20.96
CA GLN A 103 -0.82 -20.29 19.66
C GLN A 103 -0.92 -21.80 19.86
N TYR A 104 -1.26 -22.49 18.77
CA TYR A 104 -1.46 -23.93 18.86
C TYR A 104 -0.16 -24.71 18.99
N ASN A 105 0.98 -24.08 18.76
CA ASN A 105 2.28 -24.71 18.90
C ASN A 105 2.95 -24.37 20.24
N SER A 106 2.13 -24.05 21.25
CA SER A 106 2.60 -23.81 22.61
C SER A 106 3.54 -22.61 22.70
N THR A 107 3.24 -21.57 21.92
CA THR A 107 3.94 -20.29 21.99
C THR A 107 2.90 -19.18 22.07
N TYR A 108 3.35 -17.99 22.46
CA TYR A 108 2.50 -16.81 22.48
C TYR A 108 2.83 -15.91 21.29
N ARG A 109 1.85 -15.10 20.92
CA ARG A 109 1.99 -14.09 19.88
C ARG A 109 1.44 -12.79 20.45
N VAL A 110 2.18 -11.70 20.28
CA VAL A 110 1.78 -10.42 20.87
C VAL A 110 2.05 -9.31 19.87
N VAL A 111 1.09 -8.39 19.79
CA VAL A 111 1.08 -7.36 18.76
C VAL A 111 0.99 -5.97 19.41
N SER A 112 1.70 -5.01 18.84
CA SER A 112 1.57 -3.60 19.20
C SER A 112 1.37 -2.79 17.94
N VAL A 113 0.44 -1.82 17.99
CA VAL A 113 0.06 -0.99 16.85
C VAL A 113 0.38 0.46 17.18
N LEU A 114 1.20 1.10 16.35
CA LEU A 114 1.51 2.52 16.45
C LEU A 114 0.92 3.26 15.26
N THR A 115 0.07 4.23 15.54
CA THR A 115 -0.44 5.11 14.49
C THR A 115 0.68 6.04 14.02
N VAL A 116 0.72 6.29 12.72
CA VAL A 116 1.69 7.22 12.16
C VAL A 116 0.92 8.34 11.48
N LEU A 117 1.51 9.54 11.53
CA LEU A 117 0.90 10.71 10.90
C LEU A 117 1.14 10.66 9.40
N HIS A 118 0.11 11.05 8.65
CA HIS A 118 0.15 11.11 7.20
C HIS A 118 1.44 11.77 6.69
N GLN A 119 1.78 12.94 7.25
CA GLN A 119 2.94 13.71 6.79
C GLN A 119 4.23 13.08 7.26
N ASP A 120 4.24 12.56 8.50
CA ASP A 120 5.45 11.89 8.98
C ASP A 120 5.84 10.74 8.05
N TRP A 121 4.86 9.90 7.69
CA TRP A 121 5.20 8.75 6.84
C TRP A 121 5.71 9.21 5.48
N LEU A 122 5.02 10.17 4.86
CA LEU A 122 5.46 10.62 3.54
C LEU A 122 6.79 11.35 3.60
N ASN A 123 7.10 11.99 4.73
CA ASN A 123 8.37 12.70 4.86
C ASN A 123 9.51 11.78 5.26
N GLY A 124 9.28 10.47 5.28
CA GLY A 124 10.35 9.52 5.50
C GLY A 124 10.79 9.30 6.94
N LYS A 125 9.97 9.65 7.92
CA LYS A 125 10.32 9.35 9.30
C LYS A 125 10.49 7.84 9.48
N GLU A 126 11.38 7.45 10.39
CA GLU A 126 11.72 6.05 10.61
C GLU A 126 11.14 5.58 11.93
N TYR A 127 10.49 4.42 11.89
CA TYR A 127 9.77 3.86 13.03
C TYR A 127 10.49 2.61 13.51
N LYS A 128 10.92 2.62 14.77
CA LYS A 128 11.65 1.52 15.37
C LYS A 128 10.80 0.84 16.44
N CYS A 129 10.74 -0.47 16.38
CA CYS A 129 10.07 -1.29 17.37
C CYS A 129 11.13 -2.12 18.09
N LYS A 130 11.23 -1.94 19.41
CA LYS A 130 12.16 -2.70 20.24
C LYS A 130 11.38 -3.64 21.15
N VAL A 131 11.78 -4.91 21.18
CA VAL A 131 11.06 -5.94 21.92
C VAL A 131 12.02 -6.55 22.92
N SER A 132 11.63 -6.50 24.19
CA SER A 132 12.47 -7.00 25.26
C SER A 132 11.80 -8.20 25.91
N ASN A 133 12.61 -9.18 26.31
CA ASN A 133 12.12 -10.42 26.87
C ASN A 133 13.27 -11.09 27.62
N LYS A 134 12.96 -11.70 28.76
CA LYS A 134 14.00 -12.26 29.62
C LYS A 134 14.75 -13.40 28.94
N ALA A 135 14.15 -14.05 27.94
CA ALA A 135 14.82 -15.14 27.24
C ALA A 135 15.81 -14.66 26.20
N LEU A 136 15.83 -13.36 25.90
CA LEU A 136 16.79 -12.94 24.88
C LEU A 136 18.07 -12.43 25.52
N PRO A 137 19.23 -12.70 24.93
CA PRO A 137 20.46 -12.06 25.42
C PRO A 137 20.41 -10.55 25.32
N ALA A 138 19.69 -10.02 24.33
CA ALA A 138 19.57 -8.60 24.11
C ALA A 138 18.22 -8.33 23.47
N PRO A 139 17.69 -7.12 23.60
CA PRO A 139 16.41 -6.81 22.95
C PRO A 139 16.54 -6.88 21.44
N ILE A 140 15.42 -7.15 20.78
CA ILE A 140 15.35 -7.19 19.33
C ILE A 140 14.80 -5.86 18.83
N GLU A 141 15.50 -5.26 17.86
CA GLU A 141 15.07 -4.00 17.28
C GLU A 141 14.80 -4.16 15.79
N LYS A 142 13.71 -3.57 15.34
CA LYS A 142 13.32 -3.53 13.93
C LYS A 142 12.95 -2.10 13.56
N THR A 143 13.36 -1.68 12.36
CA THR A 143 13.05 -0.34 11.89
C THR A 143 12.41 -0.44 10.51
N ILE A 144 11.52 0.50 10.23
CA ILE A 144 10.77 0.53 8.97
C ILE A 144 10.52 2.00 8.63
N SER A 145 10.43 2.29 7.34
CA SER A 145 10.01 3.60 6.85
C SER A 145 9.36 3.41 5.49
N LYS A 146 8.74 4.48 4.99
CA LYS A 146 8.30 4.48 3.61
C LYS A 146 9.47 4.15 2.68
N ALA A 147 9.17 3.47 1.57
CA ALA A 147 10.19 3.21 0.56
C ALA A 147 10.95 4.48 0.23
N LYS A 148 12.28 4.38 0.19
CA LYS A 148 13.16 5.53 0.01
C LYS A 148 13.47 5.77 -1.48
N GLY A 149 13.86 7.01 -1.79
CA GLY A 149 14.32 7.37 -3.13
C GLY A 149 13.58 8.61 -3.62
N GLN A 150 14.24 9.35 -4.52
CA GLN A 150 13.63 10.55 -5.09
C GLN A 150 12.27 10.21 -5.72
N PRO A 151 11.20 10.90 -5.34
CA PRO A 151 9.89 10.58 -5.90
C PRO A 151 9.76 11.06 -7.34
N ARG A 152 9.00 10.30 -8.13
CA ARG A 152 8.73 10.65 -9.52
CA ARG A 152 8.74 10.61 -9.52
C ARG A 152 7.25 10.46 -9.80
N GLU A 153 6.67 11.45 -10.46
CA GLU A 153 5.23 11.55 -10.69
C GLU A 153 4.81 10.66 -11.86
N PRO A 154 3.81 9.80 -11.68
CA PRO A 154 3.35 8.97 -12.80
C PRO A 154 2.71 9.82 -13.88
N GLN A 155 2.84 9.35 -15.11
CA GLN A 155 2.02 9.81 -16.23
C GLN A 155 0.95 8.75 -16.47
N VAL A 156 -0.31 9.17 -16.57
CA VAL A 156 -1.45 8.27 -16.70
C VAL A 156 -2.01 8.43 -18.12
N TYR A 157 -2.10 7.32 -18.85
CA TYR A 157 -2.62 7.32 -20.22
C TYR A 157 -3.69 6.25 -20.37
N THR A 158 -4.82 6.61 -20.96
CA THR A 158 -5.86 5.65 -21.26
C THR A 158 -5.80 5.25 -22.72
N LEU A 159 -6.05 3.97 -23.00
CA LEU A 159 -5.94 3.42 -24.36
C LEU A 159 -7.23 2.68 -24.68
N PRO A 160 -7.90 3.03 -25.77
CA PRO A 160 -9.15 2.38 -26.13
C PRO A 160 -8.89 0.96 -26.63
N PRO A 161 -9.96 0.18 -26.85
CA PRO A 161 -9.78 -1.18 -27.37
C PRO A 161 -9.04 -1.19 -28.69
N SER A 162 -8.33 -2.28 -28.94
CA SER A 162 -7.73 -2.48 -30.24
C SER A 162 -8.82 -2.71 -31.28
N ARG A 163 -8.56 -2.25 -32.51
CA ARG A 163 -9.53 -2.43 -33.59
C ARG A 163 -9.95 -3.90 -33.71
N ASP A 164 -9.01 -4.82 -33.56
CA ASP A 164 -9.35 -6.24 -33.73
C ASP A 164 -10.27 -6.74 -32.62
N GLU A 165 -10.23 -6.11 -31.44
CA GLU A 165 -11.03 -6.59 -30.33
C GLU A 165 -12.50 -6.17 -30.43
N LEU A 166 -12.83 -5.20 -31.28
CA LEU A 166 -14.23 -4.77 -31.37
C LEU A 166 -15.12 -5.82 -32.00
N THR A 167 -14.53 -6.94 -32.43
CA THR A 167 -15.31 -8.10 -32.85
C THR A 167 -16.01 -8.75 -31.68
N LYS A 168 -15.33 -8.86 -30.53
CA LYS A 168 -15.81 -9.62 -29.39
C LYS A 168 -17.02 -8.94 -28.75
N ASN A 169 -17.64 -9.64 -27.79
CA ASN A 169 -18.79 -9.13 -27.04
C ASN A 169 -18.38 -8.23 -25.89
N GLN A 170 -17.21 -8.45 -25.32
CA GLN A 170 -16.63 -7.55 -24.33
C GLN A 170 -15.31 -7.03 -24.88
N VAL A 171 -14.90 -5.84 -24.41
CA VAL A 171 -13.69 -5.18 -24.86
C VAL A 171 -12.88 -4.70 -23.66
N SER A 172 -11.58 -4.51 -23.89
CA SER A 172 -10.62 -4.17 -22.84
C SER A 172 -10.31 -2.68 -22.89
N LEU A 173 -10.51 -2.00 -21.77
CA LEU A 173 -10.12 -0.61 -21.63
C LEU A 173 -8.84 -0.56 -20.80
N THR A 174 -7.81 0.09 -21.32
CA THR A 174 -6.47 -0.01 -20.77
C THR A 174 -6.01 1.31 -20.18
N CYS A 175 -5.42 1.24 -18.99
CA CYS A 175 -4.82 2.41 -18.35
C CYS A 175 -3.33 2.15 -18.15
N LEU A 176 -2.50 2.90 -18.86
CA LEU A 176 -1.05 2.80 -18.66
C LEU A 176 -0.62 3.84 -17.64
N VAL A 177 0.10 3.41 -16.61
CA VAL A 177 0.63 4.32 -15.59
C VAL A 177 2.15 4.13 -15.60
N LYS A 178 2.91 5.15 -15.97
CA LYS A 178 4.34 4.96 -16.15
C LYS A 178 5.14 6.09 -15.51
N GLY A 179 6.40 5.79 -15.24
CA GLY A 179 7.31 6.80 -14.74
C GLY A 179 7.22 7.09 -13.25
N PHE A 180 6.63 6.21 -12.44
CA PHE A 180 6.44 6.57 -11.05
C PHE A 180 7.48 5.95 -10.13
N TYR A 181 7.73 6.65 -9.04
CA TYR A 181 8.64 6.19 -8.01
C TYR A 181 8.23 6.84 -6.68
N PRO A 182 8.15 6.05 -5.58
CA PRO A 182 8.41 4.60 -5.45
C PRO A 182 7.22 3.76 -5.97
N SER A 183 7.27 2.44 -5.83
CA SER A 183 6.28 1.60 -6.50
C SER A 183 4.93 1.53 -5.80
N ASP A 184 4.78 2.07 -4.59
CA ASP A 184 3.48 2.02 -3.93
C ASP A 184 2.46 2.81 -4.73
N ILE A 185 1.33 2.17 -5.06
CA ILE A 185 0.36 2.81 -5.94
C ILE A 185 -0.97 2.10 -5.77
N ALA A 186 -2.06 2.84 -6.00
CA ALA A 186 -3.40 2.25 -6.08
C ALA A 186 -4.09 2.70 -7.36
N VAL A 187 -4.85 1.80 -7.98
CA VAL A 187 -5.55 2.06 -9.23
C VAL A 187 -6.94 1.46 -9.15
N GLU A 188 -7.95 2.25 -9.51
CA GLU A 188 -9.32 1.78 -9.59
C GLU A 188 -9.98 2.48 -10.78
N TRP A 189 -11.20 2.03 -11.11
CA TRP A 189 -11.98 2.54 -12.23
C TRP A 189 -13.37 2.95 -11.77
N GLU A 190 -13.95 3.89 -12.50
CA GLU A 190 -15.27 4.41 -12.18
C GLU A 190 -15.97 4.78 -13.48
N SER A 191 -17.30 4.90 -13.39
CA SER A 191 -18.08 5.46 -14.47
C SER A 191 -19.37 6.00 -13.86
N ASN A 192 -19.72 7.23 -14.23
CA ASN A 192 -20.97 7.86 -13.79
C ASN A 192 -21.12 7.78 -12.27
N GLY A 193 -20.05 8.18 -11.57
CA GLY A 193 -20.07 8.23 -10.12
C GLY A 193 -20.28 6.91 -9.44
N GLN A 194 -19.87 5.81 -10.07
CA GLN A 194 -20.01 4.48 -9.50
C GLN A 194 -18.78 3.67 -9.88
N PRO A 195 -18.33 2.79 -9.00
CA PRO A 195 -17.14 1.99 -9.31
C PRO A 195 -17.42 0.98 -10.42
N GLU A 196 -16.45 0.82 -11.32
CA GLU A 196 -16.40 -0.26 -12.30
C GLU A 196 -15.37 -1.27 -11.80
N ASN A 197 -15.82 -2.41 -11.30
CA ASN A 197 -14.94 -3.30 -10.56
C ASN A 197 -14.51 -4.54 -11.35
N ASN A 198 -14.90 -4.63 -12.62
CA ASN A 198 -14.52 -5.76 -13.48
C ASN A 198 -13.15 -5.50 -14.12
N TYR A 199 -12.14 -5.24 -13.27
CA TYR A 199 -10.81 -4.90 -13.75
C TYR A 199 -9.75 -5.74 -13.04
N LYS A 200 -8.56 -5.80 -13.66
CA LYS A 200 -7.36 -6.39 -13.09
C LYS A 200 -6.19 -5.45 -13.40
N THR A 201 -5.25 -5.34 -12.46
CA THR A 201 -4.08 -4.47 -12.63
C THR A 201 -2.81 -5.28 -12.45
N THR A 202 -1.81 -5.04 -13.31
CA THR A 202 -0.55 -5.78 -13.18
C THR A 202 0.22 -5.24 -11.98
N PRO A 203 1.13 -6.00 -11.41
CA PRO A 203 2.07 -5.43 -10.43
C PRO A 203 2.90 -4.33 -11.08
N PRO A 204 3.51 -3.46 -10.28
CA PRO A 204 4.48 -2.52 -10.85
C PRO A 204 5.64 -3.30 -11.44
N VAL A 205 6.17 -2.81 -12.55
CA VAL A 205 7.31 -3.43 -13.23
C VAL A 205 8.44 -2.41 -13.30
N LEU A 206 9.66 -2.82 -12.93
CA LEU A 206 10.77 -1.87 -12.92
C LEU A 206 11.16 -1.53 -14.35
N ASP A 207 11.09 -0.25 -14.72
CA ASP A 207 11.38 0.14 -16.08
C ASP A 207 12.89 0.42 -16.22
N SER A 208 13.34 0.64 -17.45
CA SER A 208 14.80 0.69 -17.62
C SER A 208 15.42 2.00 -17.11
N ASP A 209 14.63 3.04 -16.85
CA ASP A 209 15.16 4.28 -16.28
C ASP A 209 15.13 4.28 -14.75
N GLY A 210 14.77 3.15 -14.12
CA GLY A 210 14.65 3.09 -12.67
C GLY A 210 13.29 3.47 -12.13
N SER A 211 12.40 4.03 -12.94
CA SER A 211 11.02 4.23 -12.51
C SER A 211 10.23 2.94 -12.70
N PHE A 212 8.97 2.94 -12.27
CA PHE A 212 8.06 1.81 -12.42
C PHE A 212 6.95 2.15 -13.40
N PHE A 213 6.37 1.12 -14.02
CA PHE A 213 5.12 1.26 -14.75
C PHE A 213 4.18 0.09 -14.41
N LEU A 214 2.89 0.27 -14.73
CA LEU A 214 1.96 -0.86 -14.75
C LEU A 214 0.86 -0.56 -15.75
N TYR A 215 -0.01 -1.55 -15.94
CA TYR A 215 -1.21 -1.43 -16.76
C TYR A 215 -2.38 -1.99 -15.97
N SER A 216 -3.53 -1.35 -16.12
CA SER A 216 -4.78 -1.85 -15.58
C SER A 216 -5.74 -2.07 -16.74
N LYS A 217 -6.45 -3.21 -16.71
CA LYS A 217 -7.35 -3.61 -17.79
C LYS A 217 -8.76 -3.70 -17.22
N LEU A 218 -9.66 -2.87 -17.74
CA LEU A 218 -11.07 -2.90 -17.39
C LEU A 218 -11.85 -3.52 -18.55
N THR A 219 -12.63 -4.54 -18.25
CA THR A 219 -13.41 -5.25 -19.25
C THR A 219 -14.86 -4.78 -19.18
N VAL A 220 -15.42 -4.32 -20.31
CA VAL A 220 -16.80 -3.83 -20.37
C VAL A 220 -17.48 -4.41 -21.60
N ASP A 221 -18.81 -4.52 -21.52
CA ASP A 221 -19.58 -4.91 -22.69
C ASP A 221 -19.30 -3.95 -23.84
N LYS A 222 -19.12 -4.51 -25.04
CA LYS A 222 -18.93 -3.64 -26.20
C LYS A 222 -20.10 -2.69 -26.38
N SER A 223 -21.30 -3.07 -25.95
CA SER A 223 -22.44 -2.18 -26.05
C SER A 223 -22.22 -0.90 -25.24
N ARG A 224 -21.69 -1.03 -24.02
CA ARG A 224 -21.47 0.17 -23.21
C ARG A 224 -20.41 1.07 -23.82
N TRP A 225 -19.36 0.47 -24.38
CA TRP A 225 -18.33 1.26 -25.05
C TRP A 225 -18.91 2.04 -26.22
N GLN A 226 -19.74 1.38 -27.04
CA GLN A 226 -20.31 2.02 -28.21
C GLN A 226 -21.45 2.97 -27.86
N GLN A 227 -22.15 2.72 -26.75
CA GLN A 227 -23.15 3.67 -26.27
C GLN A 227 -22.52 5.00 -25.82
N GLY A 228 -21.21 5.05 -25.64
CA GLY A 228 -20.50 6.29 -25.39
C GLY A 228 -20.23 6.63 -23.94
N ASN A 229 -20.40 5.69 -23.03
CA ASN A 229 -20.19 5.99 -21.62
C ASN A 229 -18.76 6.42 -21.37
N VAL A 230 -18.57 7.25 -20.33
CA VAL A 230 -17.25 7.71 -19.94
C VAL A 230 -16.72 6.82 -18.84
N PHE A 231 -15.53 6.28 -19.04
CA PHE A 231 -14.84 5.48 -18.04
C PHE A 231 -13.61 6.24 -17.60
N SER A 232 -13.26 6.09 -16.32
CA SER A 232 -12.18 6.86 -15.72
C SER A 232 -11.23 5.94 -14.98
N CYS A 233 -9.95 6.05 -15.33
CA CYS A 233 -8.86 5.45 -14.57
C CYS A 233 -8.43 6.40 -13.46
N SER A 234 -8.50 5.93 -12.22
CA SER A 234 -8.28 6.74 -11.02
C SER A 234 -7.02 6.23 -10.31
N VAL A 235 -6.03 7.11 -10.08
CA VAL A 235 -4.69 6.69 -9.63
C VAL A 235 -4.29 7.46 -8.38
N MET A 236 -3.81 6.74 -7.37
CA MET A 236 -3.28 7.34 -6.17
C MET A 236 -1.80 7.00 -6.04
N HIS A 237 -0.97 8.03 -5.82
CA HIS A 237 0.47 7.87 -5.72
C HIS A 237 1.01 9.09 -5.00
N GLU A 238 2.03 8.91 -4.15
CA GLU A 238 2.46 10.04 -3.34
C GLU A 238 2.83 11.25 -4.19
N ALA A 239 3.41 11.02 -5.38
CA ALA A 239 3.97 12.16 -6.12
C ALA A 239 2.95 12.94 -6.94
N LEU A 240 1.69 12.55 -6.94
CA LEU A 240 0.66 13.33 -7.59
C LEU A 240 0.22 14.49 -6.69
N HIS A 241 -0.38 15.50 -7.30
CA HIS A 241 -0.94 16.58 -6.50
C HIS A 241 -2.09 16.04 -5.67
N ASN A 242 -2.05 16.25 -4.35
CA ASN A 242 -2.99 15.61 -3.42
C ASN A 242 -2.98 14.10 -3.53
N HIS A 243 -1.89 13.53 -4.07
CA HIS A 243 -1.69 12.08 -4.22
C HIS A 243 -2.78 11.41 -5.05
N TYR A 244 -3.37 12.16 -5.99
CA TYR A 244 -4.51 11.67 -6.74
C TYR A 244 -4.50 12.26 -8.14
N THR A 245 -4.88 11.45 -9.13
CA THR A 245 -5.24 11.98 -10.45
C THR A 245 -6.24 11.03 -11.10
N GLN A 246 -6.91 11.53 -12.14
CA GLN A 246 -7.97 10.82 -12.85
C GLN A 246 -7.80 11.07 -14.34
N LYS A 247 -7.97 10.01 -15.16
CA LYS A 247 -7.96 10.16 -16.61
C LYS A 247 -9.12 9.40 -17.23
N SER A 248 -9.78 10.02 -18.22
CA SER A 248 -11.00 9.48 -18.80
C SER A 248 -10.74 8.85 -20.16
N LEU A 249 -11.73 8.06 -20.59
CA LEU A 249 -11.66 7.24 -21.79
C LEU A 249 -13.08 7.12 -22.34
N SER A 250 -13.24 7.42 -23.63
CA SER A 250 -14.54 7.40 -24.29
C SER A 250 -14.35 7.15 -25.77
N LEU A 251 -15.41 6.65 -26.42
CA LEU A 251 -15.42 6.50 -27.87
C LEU A 251 -15.53 7.86 -28.57
C1 NAG B . 4.10 -21.09 16.05
C2 NAG B . 5.25 -20.97 15.07
C3 NAG B . 5.47 -19.51 14.65
C4 NAG B . 4.17 -18.92 14.14
C5 NAG B . 3.08 -19.09 15.19
C6 NAG B . 1.74 -18.55 14.78
C7 NAG B . 7.02 -22.67 15.25
C8 NAG B . 8.30 -23.06 15.92
N2 NAG B . 6.48 -21.51 15.64
O3 NAG B . 6.50 -19.47 13.67
O4 NAG B . 4.29 -17.53 13.85
O5 NAG B . 2.92 -20.49 15.49
O6 NAG B . 1.44 -18.86 13.42
O7 NAG B . 6.49 -23.38 14.40
C1 NAG B . 4.71 -17.29 12.48
C2 NAG B . 4.09 -16.01 11.94
C3 NAG B . 4.60 -15.72 10.52
C4 NAG B . 6.12 -15.75 10.49
C5 NAG B . 6.66 -17.04 11.09
C6 NAG B . 8.16 -17.06 11.21
C7 NAG B . 1.84 -15.15 12.48
C8 NAG B . 0.37 -15.40 12.36
N2 NAG B . 2.64 -16.08 11.94
O3 NAG B . 4.08 -14.48 10.08
O4 NAG B . 6.57 -15.71 9.13
O5 NAG B . 6.14 -17.21 12.42
O6 NAG B . 8.62 -18.32 11.67
O7 NAG B . 2.29 -14.17 13.06
C1 BMA B . 6.76 -14.39 8.62
C2 BMA B . 7.98 -14.43 7.70
C3 BMA B . 8.14 -13.09 6.99
C4 BMA B . 6.84 -12.66 6.32
C5 BMA B . 5.68 -12.69 7.33
C6 BMA B . 4.36 -12.38 6.68
O2 BMA B . 7.77 -15.37 6.68
O3 BMA B . 9.21 -13.13 6.04
O4 BMA B . 6.98 -11.34 5.81
O5 BMA B . 5.60 -14.00 7.93
O6 BMA B . 3.39 -12.20 7.70
C1 MAN B . 2.15 -11.75 7.12
C2 MAN B . 1.14 -11.39 8.26
C3 MAN B . 0.66 -12.64 8.99
C4 MAN B . 0.18 -13.74 7.99
C5 MAN B . 1.23 -14.00 6.86
C6 MAN B . 0.68 -14.88 5.75
O2 MAN B . -0.05 -10.79 7.73
O3 MAN B . -0.37 -12.34 9.94
O4 MAN B . -0.11 -14.98 8.68
O5 MAN B . 1.65 -12.74 6.26
O6 MAN B . 1.62 -14.88 4.66
C1 NAG B . 0.14 -9.37 7.61
C2 NAG B . -0.99 -8.75 6.78
C3 NAG B . -0.85 -7.24 6.75
C4 NAG B . -0.72 -6.66 8.16
C5 NAG B . 0.36 -7.39 8.95
C6 NAG B . 0.37 -7.00 10.41
C7 NAG B . -1.82 -10.28 5.03
C8 NAG B . -1.69 -10.69 3.60
N2 NAG B . -1.01 -9.30 5.43
O3 NAG B . -1.98 -6.68 6.09
O4 NAG B . -0.38 -5.28 8.11
O5 NAG B . 0.13 -8.81 8.92
O6 NAG B . -0.88 -7.31 11.03
O7 NAG B . -2.63 -10.80 5.80
C1 GAL B . -1.46 -4.48 8.60
C2 GAL B . -1.10 -2.94 8.53
C3 GAL B . -2.32 -2.06 8.87
C4 GAL B . -3.55 -2.49 8.02
C5 GAL B . -3.80 -3.98 8.23
C6 GAL B . -4.95 -4.54 7.40
O2 GAL B . -0.01 -2.55 9.40
O3 GAL B . -2.07 -0.70 8.63
O4 GAL B . -3.36 -2.21 6.62
O5 GAL B . -2.64 -4.74 7.85
O6 GAL B . -5.02 -5.96 7.51
C1 MAN B . 10.61 -12.97 6.30
C2 MAN B . 10.56 -12.37 4.89
C3 MAN B . 11.83 -12.70 4.08
C4 MAN B . 12.35 -14.15 4.28
C5 MAN B . 12.24 -14.65 5.76
C6 MAN B . 13.32 -14.09 6.68
O2 MAN B . 10.52 -10.95 4.94
O3 MAN B . 12.86 -11.71 4.27
O4 MAN B . 11.66 -15.05 3.41
O5 MAN B . 10.95 -14.31 6.32
O6 MAN B . 13.56 -15.05 7.71
C1 FUC B . 0.97 -20.15 13.05
C2 FUC B . 0.00 -21.08 13.79
C3 FUC B . -0.76 -21.95 12.81
C4 FUC B . -1.41 -21.08 11.73
C5 FUC B . -0.46 -20.05 11.09
C6 FUC B . 0.46 -20.67 10.04
O2 FUC B . -0.91 -20.30 14.58
O3 FUC B . 0.10 -22.94 12.25
O4 FUC B . -1.95 -21.91 10.69
O5 FUC B . 0.34 -19.35 12.06
ZN ZN C . -0.61 14.39 1.73
ZN ZN D . 5.50 4.54 27.20
ZN ZN E . 17.87 4.61 9.95
C ACT F . 1.24 15.69 2.55
O ACT F . 1.47 15.03 1.53
OXT ACT F . 0.12 16.28 2.57
CH3 ACT F . 2.24 15.78 3.66
#